data_1O4U
#
_entry.id   1O4U
#
_cell.length_a   96.371
_cell.length_b   126.125
_cell.length_c   138.372
_cell.angle_alpha   90.00
_cell.angle_beta   90.00
_cell.angle_gamma   90.00
#
_symmetry.space_group_name_H-M   'I 2 2 2'
#
loop_
_entity.id
_entity.type
_entity.pdbx_description
1 polymer 'Type II quinolic acid phosphoribosyltransferase'
2 water water
#
_entity_poly.entity_id   1
_entity_poly.type   'polypeptide(L)'
_entity_poly.pdbx_seq_one_letter_code
;MGSDKIHHHHHHMEKILDLLMSFVKEDEGKLDLASFPLRNTTAGAHLLLKTENVVASGIEVSRMFLEKMGLLSKFNVEDG
EYLEGTGVIGEIEGNTYKLLVAERTLLNVLSVMFSVATTTRRFAEKLKHAKIAATRKILPGLGVLQKIAVVHGGGDPHRL
DLSGCVMIKDNHLKMYGSAERAVQEVRKIIPFTTKIEVEVENLEDALRAVEAGADIVMLDNLSPEEVKDISRRIKDINPN
VIVEVSGGITEENVSLYDFETVDVISSSRLTLQEVFVDLSLEIQR
;
_entity_poly.pdbx_strand_id   A,B
#
# COMPACT_ATOMS: atom_id res chain seq x y z
N MET A 13 14.28 -11.17 9.07
CA MET A 13 14.15 -12.33 8.14
C MET A 13 13.28 -13.44 8.70
N GLU A 14 13.26 -13.63 10.02
CA GLU A 14 12.20 -14.44 10.65
C GLU A 14 10.99 -13.51 10.75
N LYS A 15 11.26 -12.22 10.95
CA LYS A 15 10.20 -11.22 10.98
C LYS A 15 9.56 -11.05 9.61
N ILE A 16 10.36 -11.11 8.56
CA ILE A 16 9.84 -10.96 7.21
C ILE A 16 8.99 -12.16 6.79
N LEU A 17 9.42 -13.36 7.15
CA LEU A 17 8.64 -14.51 6.80
C LEU A 17 7.32 -14.53 7.54
N ASP A 18 7.38 -14.27 8.84
CA ASP A 18 6.17 -14.10 9.65
C ASP A 18 5.21 -13.11 9.01
N LEU A 19 5.72 -11.97 8.59
CA LEU A 19 4.90 -10.98 7.91
C LEU A 19 4.20 -11.54 6.65
N LEU A 20 4.96 -12.13 5.73
CA LEU A 20 4.40 -12.73 4.54
C LEU A 20 3.50 -13.88 4.86
N MET A 21 3.80 -14.64 5.91
CA MET A 21 2.87 -15.68 6.33
C MET A 21 1.52 -15.08 6.78
N SER A 22 1.56 -13.97 7.51
CA SER A 22 0.33 -13.32 7.93
C SER A 22 -0.48 -12.85 6.72
N PHE A 23 0.17 -12.36 5.66
CA PHE A 23 -0.51 -12.03 4.39
C PHE A 23 -1.17 -13.25 3.72
N VAL A 24 -0.55 -14.42 3.80
CA VAL A 24 -1.11 -15.63 3.25
C VAL A 24 -2.38 -15.98 4.01
N LYS A 25 -2.30 -16.01 5.34
CA LYS A 25 -3.46 -16.06 6.27
C LYS A 25 -4.65 -15.11 5.98
N GLU A 26 -4.38 -13.89 5.53
CA GLU A 26 -5.42 -12.89 5.28
C GLU A 26 -6.14 -13.22 3.98
N ASP A 27 -5.36 -13.69 3.00
CA ASP A 27 -5.87 -14.06 1.70
C ASP A 27 -6.62 -15.41 1.78
N GLU A 28 -6.33 -16.25 2.77
CA GLU A 28 -6.76 -17.66 2.78
C GLU A 28 -8.26 -17.84 3.10
N GLY A 29 -8.75 -17.46 4.28
CA GLY A 29 -8.02 -17.29 5.51
C GLY A 29 -8.23 -18.58 6.27
N LYS A 30 -9.49 -18.91 6.52
CA LYS A 30 -9.80 -20.19 7.12
C LYS A 30 -9.35 -21.33 6.22
N LEU A 31 -9.70 -21.26 4.93
CA LEU A 31 -9.45 -22.34 3.98
C LEU A 31 -9.77 -21.82 2.54
N ASP A 32 -8.96 -22.16 1.55
CA ASP A 32 -9.14 -21.66 0.20
C ASP A 32 -9.93 -22.72 -0.54
N LEU A 33 -11.23 -22.49 -0.59
CA LEU A 33 -12.15 -23.50 -1.05
C LEU A 33 -11.99 -23.83 -2.53
N ALA A 34 -11.56 -22.87 -3.33
CA ALA A 34 -11.45 -23.08 -4.76
C ALA A 34 -10.28 -24.04 -5.08
N SER A 35 -9.26 -24.01 -4.21
CA SER A 35 -8.05 -24.77 -4.38
C SER A 35 -8.14 -26.06 -3.59
N PHE A 36 -9.04 -26.08 -2.60
CA PHE A 36 -9.10 -27.19 -1.67
C PHE A 36 -9.22 -28.56 -2.33
N PRO A 37 -10.13 -28.71 -3.28
CA PRO A 37 -10.26 -29.95 -4.02
C PRO A 37 -9.01 -30.41 -4.76
N LEU A 38 -8.07 -29.50 -4.99
CA LEU A 38 -6.84 -29.88 -5.68
C LEU A 38 -5.71 -30.18 -4.70
N ARG A 39 -6.02 -30.22 -3.40
CA ARG A 39 -4.96 -30.50 -2.41
C ARG A 39 -4.12 -31.74 -2.72
N ASN A 40 -4.61 -32.69 -3.53
CA ASN A 40 -3.88 -33.94 -3.77
C ASN A 40 -3.12 -34.08 -5.10
N THR A 41 -2.72 -32.93 -5.67
CA THR A 41 -1.99 -32.89 -6.94
C THR A 41 -0.75 -32.02 -6.76
N THR A 42 0.19 -32.15 -7.70
CA THR A 42 1.25 -31.17 -7.82
C THR A 42 1.14 -30.43 -9.16
N ALA A 43 1.79 -29.27 -9.21
CA ALA A 43 1.79 -28.43 -10.39
C ALA A 43 3.04 -27.60 -10.43
N GLY A 44 3.52 -27.40 -11.66
CA GLY A 44 4.57 -26.44 -11.97
C GLY A 44 3.99 -25.17 -12.59
N ALA A 45 4.71 -24.07 -12.38
CA ALA A 45 4.27 -22.76 -12.83
C ALA A 45 5.46 -21.88 -13.20
N HIS A 46 5.20 -20.98 -14.14
CA HIS A 46 6.19 -20.00 -14.58
C HIS A 46 5.76 -18.68 -13.96
N LEU A 47 6.73 -18.00 -13.35
CA LEU A 47 6.57 -16.66 -12.86
C LEU A 47 6.93 -15.69 -14.00
N LEU A 48 5.99 -14.87 -14.42
CA LEU A 48 6.21 -14.07 -15.65
C LEU A 48 6.32 -12.59 -15.33
N LEU A 49 7.30 -11.93 -15.95
CA LEU A 49 7.40 -10.48 -15.92
C LEU A 49 6.85 -9.91 -17.22
N LYS A 50 5.87 -9.02 -17.12
CA LYS A 50 5.26 -8.44 -18.30
C LYS A 50 5.59 -6.93 -18.54
N THR A 51 6.33 -6.30 -17.63
CA THR A 51 6.73 -4.88 -17.76
C THR A 51 8.18 -4.78 -18.17
N GLU A 52 8.48 -3.86 -19.08
CA GLU A 52 9.62 -4.03 -19.94
C GLU A 52 10.97 -3.42 -19.51
N ASN A 53 11.00 -2.47 -18.59
CA ASN A 53 12.28 -1.83 -18.23
C ASN A 53 12.26 -1.59 -16.74
N VAL A 54 13.04 -2.36 -16.01
CA VAL A 54 12.67 -2.64 -14.65
C VAL A 54 13.84 -3.19 -13.89
N VAL A 55 13.85 -2.98 -12.58
CA VAL A 55 14.88 -3.59 -11.75
C VAL A 55 14.27 -4.54 -10.73
N ALA A 56 14.88 -5.72 -10.65
CA ALA A 56 14.37 -6.82 -9.87
C ALA A 56 14.71 -6.65 -8.40
N SER A 57 13.71 -6.80 -7.54
CA SER A 57 13.97 -7.03 -6.13
C SER A 57 12.86 -7.80 -5.47
N GLY A 58 13.20 -8.47 -4.36
CA GLY A 58 12.30 -9.42 -3.69
C GLY A 58 12.60 -10.87 -4.06
N ILE A 59 13.64 -11.10 -4.83
CA ILE A 59 14.00 -12.45 -5.25
C ILE A 59 14.38 -13.31 -4.05
N GLU A 60 15.39 -12.91 -3.30
CA GLU A 60 15.83 -13.69 -2.14
C GLU A 60 14.66 -13.83 -1.19
N VAL A 61 13.93 -12.75 -0.94
CA VAL A 61 12.78 -12.82 -0.03
C VAL A 61 11.72 -13.78 -0.50
N SER A 62 11.41 -13.70 -1.79
CA SER A 62 10.43 -14.58 -2.40
C SER A 62 10.84 -16.03 -2.29
N ARG A 63 12.11 -16.29 -2.56
CA ARG A 63 12.64 -17.66 -2.48
C ARG A 63 12.43 -18.28 -1.08
N MET A 64 12.82 -17.53 -0.07
CA MET A 64 12.68 -17.95 1.32
C MET A 64 11.23 -18.21 1.70
N PHE A 65 10.36 -17.38 1.14
CA PHE A 65 8.95 -17.47 1.42
C PHE A 65 8.39 -18.72 0.81
N LEU A 66 8.68 -18.92 -0.46
CA LEU A 66 8.20 -20.13 -1.13
C LEU A 66 8.64 -21.41 -0.44
N GLU A 67 9.90 -21.44 -0.04
CA GLU A 67 10.46 -22.50 0.78
C GLU A 67 9.67 -22.74 2.09
N LYS A 68 9.27 -21.67 2.78
CA LYS A 68 8.44 -21.86 3.97
C LYS A 68 7.04 -22.38 3.66
N MET A 69 6.50 -22.00 2.51
CA MET A 69 5.22 -22.57 2.05
C MET A 69 5.36 -23.98 1.51
N GLY A 70 6.57 -24.53 1.38
CA GLY A 70 6.74 -25.92 0.94
C GLY A 70 6.87 -26.09 -0.56
N LEU A 71 7.15 -25.00 -1.28
CA LEU A 71 7.29 -25.00 -2.74
C LEU A 71 8.76 -24.91 -3.16
N LEU A 72 9.05 -25.62 -4.25
CA LEU A 72 10.37 -25.61 -4.85
C LEU A 72 10.38 -24.47 -5.85
N SER A 73 11.54 -23.84 -6.02
CA SER A 73 11.69 -22.73 -6.97
C SER A 73 13.08 -22.68 -7.57
N LYS A 74 13.18 -22.05 -8.75
CA LYS A 74 14.42 -21.58 -9.32
C LYS A 74 14.11 -20.22 -9.93
N PHE A 75 15.02 -19.27 -9.79
CA PHE A 75 14.87 -17.93 -10.41
C PHE A 75 15.99 -17.69 -11.42
N ASN A 76 15.68 -17.06 -12.55
CA ASN A 76 16.75 -16.83 -13.53
C ASN A 76 17.15 -15.35 -13.55
N VAL A 77 17.17 -14.77 -12.36
CA VAL A 77 17.26 -13.34 -12.15
C VAL A 77 17.67 -13.10 -10.68
N GLU A 78 18.39 -12.01 -10.42
CA GLU A 78 18.94 -11.69 -9.10
C GLU A 78 18.38 -10.35 -8.58
N ASP A 79 18.56 -10.08 -7.30
CA ASP A 79 18.20 -8.78 -6.77
C ASP A 79 19.13 -7.67 -7.29
N GLY A 80 18.55 -6.50 -7.57
CA GLY A 80 19.29 -5.42 -8.21
C GLY A 80 19.73 -5.58 -9.68
N GLU A 81 19.21 -6.57 -10.41
CA GLU A 81 19.52 -6.72 -11.80
C GLU A 81 18.58 -5.85 -12.65
N TYR A 82 19.12 -5.21 -13.68
CA TYR A 82 18.30 -4.39 -14.60
C TYR A 82 17.77 -5.31 -15.68
N LEU A 83 16.49 -5.17 -16.01
CA LEU A 83 15.82 -6.07 -16.94
C LEU A 83 15.20 -5.35 -18.15
N GLU A 84 15.86 -5.54 -19.30
CA GLU A 84 15.42 -5.06 -20.61
C GLU A 84 14.58 -6.16 -21.22
N GLY A 85 13.27 -5.99 -21.30
CA GLY A 85 12.45 -7.02 -21.97
C GLY A 85 11.80 -8.01 -21.01
N THR A 86 10.63 -8.46 -21.42
CA THR A 86 9.77 -9.27 -20.59
C THR A 86 10.18 -10.72 -20.77
N GLY A 87 9.63 -11.58 -19.92
CA GLY A 87 9.86 -13.02 -19.96
C GLY A 87 9.61 -13.75 -18.64
N VAL A 88 10.02 -15.00 -18.63
CA VAL A 88 9.94 -15.88 -17.47
C VAL A 88 11.07 -15.49 -16.57
N ILE A 89 10.79 -15.13 -15.32
CA ILE A 89 11.89 -14.81 -14.40
C ILE A 89 12.14 -15.89 -13.36
N GLY A 90 11.30 -16.93 -13.37
CA GLY A 90 11.34 -17.93 -12.34
C GLY A 90 10.34 -19.04 -12.54
N GLU A 91 10.64 -20.19 -11.93
CA GLU A 91 9.76 -21.34 -11.95
C GLU A 91 9.53 -21.87 -10.55
N ILE A 92 8.35 -22.42 -10.36
CA ILE A 92 7.86 -22.84 -9.06
C ILE A 92 7.11 -24.15 -9.21
N GLU A 93 7.30 -25.08 -8.27
CA GLU A 93 6.50 -26.32 -8.28
C GLU A 93 6.34 -26.94 -6.93
N GLY A 94 5.35 -27.81 -6.83
CA GLY A 94 5.03 -28.43 -5.56
C GLY A 94 3.54 -28.71 -5.45
N ASN A 95 3.07 -28.90 -4.21
CA ASN A 95 1.68 -29.22 -3.98
C ASN A 95 0.82 -28.11 -4.58
N THR A 96 -0.28 -28.46 -5.20
CA THR A 96 -1.10 -27.50 -5.90
C THR A 96 -1.83 -26.53 -5.01
N TYR A 97 -2.29 -26.97 -3.84
CA TYR A 97 -3.05 -26.10 -2.97
C TYR A 97 -2.10 -25.03 -2.44
N LYS A 98 -0.95 -25.47 -1.96
CA LYS A 98 0.11 -24.55 -1.54
C LYS A 98 0.53 -23.54 -2.61
N LEU A 99 0.68 -24.00 -3.85
CA LEU A 99 1.05 -23.11 -4.90
C LEU A 99 -0.04 -22.05 -5.12
N LEU A 100 -1.29 -22.48 -5.23
CA LEU A 100 -2.37 -21.52 -5.44
C LEU A 100 -2.57 -20.61 -4.25
N VAL A 101 -2.27 -21.08 -3.05
CA VAL A 101 -2.50 -20.25 -1.85
C VAL A 101 -1.40 -19.24 -1.65
N ALA A 102 -0.24 -19.51 -2.25
CA ALA A 102 0.91 -18.62 -2.16
C ALA A 102 0.90 -17.54 -3.23
N GLU A 103 0.18 -17.77 -4.33
CA GLU A 103 0.19 -16.91 -5.52
C GLU A 103 -0.02 -15.41 -5.23
N ARG A 104 -1.11 -15.04 -4.58
CA ARG A 104 -1.38 -13.61 -4.46
C ARG A 104 -0.26 -12.86 -3.74
N THR A 105 0.23 -13.48 -2.67
CA THR A 105 1.19 -12.85 -1.78
C THR A 105 2.54 -12.72 -2.45
N LEU A 106 2.95 -13.77 -3.14
CA LEU A 106 4.16 -13.73 -3.94
C LEU A 106 4.13 -12.62 -4.97
N LEU A 107 3.03 -12.46 -5.68
CA LEU A 107 2.96 -11.43 -6.69
C LEU A 107 2.88 -10.01 -6.10
N ASN A 108 2.29 -9.84 -4.92
CA ASN A 108 2.32 -8.51 -4.31
C ASN A 108 3.76 -8.20 -3.98
N VAL A 109 4.40 -9.07 -3.24
CA VAL A 109 5.77 -8.81 -2.86
C VAL A 109 6.62 -8.40 -4.06
N LEU A 110 6.54 -9.19 -5.13
CA LEU A 110 7.39 -8.92 -6.27
C LEU A 110 6.97 -7.64 -7.00
N SER A 111 5.69 -7.27 -6.92
CA SER A 111 5.19 -6.10 -7.63
C SER A 111 5.68 -4.85 -6.95
N VAL A 112 5.30 -4.69 -5.69
CA VAL A 112 5.82 -3.64 -4.84
C VAL A 112 7.36 -3.48 -5.00
N MET A 113 8.10 -4.55 -4.74
CA MET A 113 9.54 -4.40 -4.62
C MET A 113 10.20 -4.03 -5.94
N PHE A 114 9.82 -4.70 -7.02
CA PHE A 114 10.26 -4.33 -8.37
C PHE A 114 9.92 -2.85 -8.67
N SER A 115 8.73 -2.43 -8.28
CA SER A 115 8.28 -1.06 -8.57
C SER A 115 9.15 -0.04 -7.86
N VAL A 116 9.18 -0.13 -6.55
CA VAL A 116 10.04 0.71 -5.75
C VAL A 116 11.47 0.66 -6.24
N ALA A 117 12.00 -0.52 -6.46
CA ALA A 117 13.40 -0.63 -6.86
C ALA A 117 13.65 0.04 -8.19
N THR A 118 12.63 0.04 -9.05
CA THR A 118 12.69 0.67 -10.36
C THR A 118 12.65 2.19 -10.29
N THR A 119 11.67 2.74 -9.58
CA THR A 119 11.61 4.17 -9.42
C THR A 119 12.94 4.69 -8.92
N THR A 120 13.33 4.18 -7.78
CA THR A 120 14.59 4.46 -7.14
C THR A 120 15.77 4.51 -8.09
N ARG A 121 15.90 3.55 -8.99
CA ARG A 121 17.07 3.51 -9.88
C ARG A 121 17.07 4.67 -10.87
N ARG A 122 15.87 5.03 -11.34
CA ARG A 122 15.74 6.15 -12.26
C ARG A 122 16.06 7.51 -11.60
N PHE A 123 15.54 7.76 -10.39
CA PHE A 123 15.95 8.92 -9.59
C PHE A 123 17.48 8.97 -9.48
N ALA A 124 18.06 7.93 -8.89
CA ALA A 124 19.54 7.83 -8.72
C ALA A 124 20.36 8.27 -9.93
N GLU A 125 19.98 7.78 -11.12
CA GLU A 125 20.72 8.08 -12.35
C GLU A 125 20.49 9.51 -12.84
N LYS A 126 19.47 10.20 -12.33
CA LYS A 126 19.28 11.63 -12.64
C LYS A 126 20.06 12.59 -11.71
N LEU A 127 20.82 12.05 -10.76
CA LEU A 127 21.55 12.84 -9.77
C LEU A 127 23.05 12.57 -9.86
N LYS A 128 23.85 13.60 -9.64
CA LYS A 128 25.32 13.45 -9.68
C LYS A 128 25.99 13.88 -8.37
N HIS A 129 25.38 14.78 -7.57
CA HIS A 129 25.96 15.07 -6.23
C HIS A 129 25.22 14.34 -5.09
N ALA A 130 23.93 14.62 -4.92
CA ALA A 130 23.14 14.06 -3.80
C ALA A 130 22.72 12.61 -4.04
N LYS A 131 22.60 11.86 -2.95
CA LYS A 131 22.18 10.47 -2.99
C LYS A 131 20.67 10.44 -2.73
N ILE A 132 19.99 9.48 -3.34
CA ILE A 132 18.54 9.32 -3.21
C ILE A 132 18.27 8.41 -2.03
N ALA A 133 17.21 8.74 -1.31
CA ALA A 133 16.77 7.95 -0.18
C ALA A 133 15.26 7.98 -0.08
N ALA A 134 14.73 7.07 0.73
CA ALA A 134 13.33 6.99 0.97
C ALA A 134 12.99 7.90 2.12
N THR A 135 11.71 8.26 2.20
CA THR A 135 11.18 8.90 3.40
C THR A 135 10.77 7.83 4.38
N ARG A 136 10.19 8.26 5.49
CA ARG A 136 9.59 7.33 6.42
C ARG A 136 8.08 7.25 6.20
N LYS A 137 7.54 8.02 5.26
CA LYS A 137 6.16 7.80 4.80
C LYS A 137 6.15 6.59 3.87
N ILE A 138 6.05 5.43 4.49
CA ILE A 138 5.97 4.14 3.81
C ILE A 138 4.57 3.61 4.00
N LEU A 139 4.21 2.64 3.18
CA LEU A 139 2.91 1.97 3.34
C LEU A 139 2.96 1.03 4.56
N PRO A 140 1.99 1.12 5.45
CA PRO A 140 2.08 0.40 6.71
C PRO A 140 2.15 -1.10 6.46
N GLY A 141 2.97 -1.75 7.25
CA GLY A 141 3.06 -3.19 7.20
C GLY A 141 4.12 -3.70 6.26
N LEU A 142 4.40 -2.96 5.21
CA LEU A 142 5.35 -3.43 4.23
C LEU A 142 6.47 -2.45 3.96
N GLY A 143 6.53 -1.39 4.77
CA GLY A 143 7.61 -0.44 4.65
C GLY A 143 8.89 -1.22 4.71
N VAL A 144 8.89 -2.31 5.47
CA VAL A 144 10.11 -3.11 5.63
C VAL A 144 10.61 -3.73 4.33
N LEU A 145 9.69 -4.00 3.39
CA LEU A 145 10.05 -4.56 2.10
C LEU A 145 10.39 -3.46 1.13
N GLN A 146 9.70 -2.34 1.24
CA GLN A 146 10.02 -1.16 0.41
C GLN A 146 11.44 -0.60 0.67
N LYS A 147 11.82 -0.59 1.93
CA LYS A 147 13.18 -0.19 2.29
C LYS A 147 14.20 -1.07 1.58
N ILE A 148 14.02 -2.38 1.65
CA ILE A 148 14.92 -3.30 0.95
C ILE A 148 14.94 -3.03 -0.56
N ALA A 149 13.77 -2.80 -1.15
CA ALA A 149 13.67 -2.50 -2.57
C ALA A 149 14.47 -1.26 -2.96
N VAL A 150 14.45 -0.25 -2.09
CA VAL A 150 15.20 0.97 -2.33
C VAL A 150 16.69 0.68 -2.40
N VAL A 151 17.20 -0.07 -1.43
CA VAL A 151 18.61 -0.45 -1.44
C VAL A 151 18.93 -1.15 -2.74
N HIS A 152 18.05 -2.06 -3.18
CA HIS A 152 18.23 -2.77 -4.47
C HIS A 152 18.20 -1.76 -5.65
N GLY A 153 17.33 -0.77 -5.54
CA GLY A 153 17.26 0.29 -6.54
C GLY A 153 18.53 1.13 -6.67
N GLY A 154 19.38 1.12 -5.64
CA GLY A 154 20.68 1.79 -5.69
C GLY A 154 20.78 3.00 -4.77
N GLY A 155 19.75 3.21 -3.94
CA GLY A 155 19.78 4.22 -2.89
C GLY A 155 20.56 3.76 -1.68
N ASP A 156 20.16 4.20 -0.47
CA ASP A 156 20.87 3.89 0.80
C ASP A 156 21.68 5.11 1.27
N CYS A 165 18.84 5.91 13.16
CA CYS A 165 19.15 7.22 13.75
C CYS A 165 17.86 8.01 14.03
N VAL A 166 17.96 9.18 14.66
CA VAL A 166 16.78 9.80 15.30
C VAL A 166 16.20 11.02 14.61
N MET A 167 14.88 11.09 14.60
CA MET A 167 14.20 12.14 13.87
C MET A 167 13.38 12.98 14.81
N ILE A 168 13.54 14.28 14.72
CA ILE A 168 12.80 15.23 15.54
C ILE A 168 11.95 16.10 14.65
N LYS A 169 10.63 15.93 14.76
CA LYS A 169 9.64 16.63 13.97
C LYS A 169 9.08 17.82 14.71
N ASP A 170 8.13 18.49 14.08
CA ASP A 170 7.50 19.68 14.64
C ASP A 170 6.80 19.43 15.96
N ASN A 171 6.07 18.32 16.04
CA ASN A 171 5.34 17.97 17.26
C ASN A 171 6.29 17.74 18.41
N HIS A 172 7.43 17.14 18.13
CA HIS A 172 8.46 17.03 19.17
C HIS A 172 8.95 18.42 19.65
N LEU A 173 9.21 19.30 18.71
CA LEU A 173 9.73 20.64 19.04
C LEU A 173 8.76 21.45 19.91
N LYS A 174 7.47 21.38 19.61
CA LYS A 174 6.45 22.04 20.42
C LYS A 174 6.44 21.58 21.85
N MET A 175 6.71 20.32 22.07
CA MET A 175 6.73 19.76 23.40
C MET A 175 8.03 20.08 24.05
N TYR A 176 9.15 19.91 23.35
CA TYR A 176 10.46 20.22 23.94
C TYR A 176 10.65 21.71 24.19
N GLY A 177 10.02 22.56 23.38
CA GLY A 177 10.16 24.02 23.51
C GLY A 177 11.18 24.61 22.52
N SER A 178 12.17 23.84 22.09
CA SER A 178 13.20 24.33 21.18
C SER A 178 14.03 23.20 20.65
N ALA A 179 14.74 23.47 19.57
CA ALA A 179 15.66 22.49 19.01
C ALA A 179 16.76 22.18 20.01
N GLU A 180 17.16 23.18 20.79
CA GLU A 180 18.30 23.04 21.69
C GLU A 180 17.99 22.03 22.75
N ARG A 181 16.81 22.17 23.34
CA ARG A 181 16.33 21.30 24.39
C ARG A 181 16.13 19.90 23.84
N ALA A 182 15.57 19.78 22.64
CA ALA A 182 15.29 18.45 22.08
C ALA A 182 16.57 17.66 21.78
N VAL A 183 17.58 18.34 21.25
CA VAL A 183 18.85 17.71 20.95
C VAL A 183 19.62 17.40 22.24
N GLN A 184 19.58 18.30 23.22
CA GLN A 184 20.18 17.99 24.52
C GLN A 184 19.61 16.66 25.06
N GLU A 185 18.28 16.61 25.12
CA GLU A 185 17.56 15.50 25.70
C GLU A 185 17.81 14.18 25.04
N VAL A 186 17.63 14.12 23.74
CA VAL A 186 17.89 12.91 22.99
C VAL A 186 19.37 12.48 23.05
N ARG A 187 20.28 13.44 23.15
CA ARG A 187 21.71 13.14 23.19
C ARG A 187 22.07 12.29 24.42
N LYS A 188 21.34 12.50 25.52
CA LYS A 188 21.50 11.74 26.76
C LYS A 188 21.10 10.25 26.69
N ILE A 189 20.44 9.81 25.63
CA ILE A 189 20.00 8.41 25.52
C ILE A 189 20.43 7.70 24.23
N ILE A 190 21.43 8.21 23.51
CA ILE A 190 21.94 7.52 22.33
C ILE A 190 23.46 7.53 22.36
N PRO A 191 24.09 6.62 21.61
CA PRO A 191 25.56 6.66 21.47
C PRO A 191 26.04 7.96 20.79
N PHE A 192 27.27 8.38 21.06
CA PHE A 192 27.90 9.53 20.35
C PHE A 192 27.83 9.40 18.79
N THR A 193 27.65 8.20 18.25
CA THR A 193 27.69 8.01 16.83
C THR A 193 26.34 8.04 16.17
N THR A 194 25.28 7.90 16.93
CA THR A 194 23.95 8.07 16.39
C THR A 194 23.68 9.57 16.10
N LYS A 195 23.19 9.83 14.89
CA LYS A 195 22.93 11.17 14.38
C LYS A 195 21.49 11.62 14.65
N ILE A 196 21.29 12.91 14.87
CA ILE A 196 19.95 13.49 15.13
C ILE A 196 19.55 14.38 13.97
N GLU A 197 18.37 14.12 13.42
CA GLU A 197 17.79 14.91 12.35
C GLU A 197 16.79 15.85 12.95
N VAL A 198 16.76 17.09 12.48
CA VAL A 198 15.69 17.99 12.79
C VAL A 198 15.04 18.44 11.48
N GLU A 199 13.72 18.47 11.45
CA GLU A 199 12.93 18.90 10.29
C GLU A 199 12.58 20.39 10.37
N VAL A 200 12.72 21.11 9.26
CA VAL A 200 12.44 22.55 9.23
C VAL A 200 11.85 22.97 7.90
N GLU A 201 11.11 24.08 7.90
CA GLU A 201 10.51 24.63 6.67
C GLU A 201 10.99 26.02 6.29
N ASN A 202 11.91 26.59 7.07
CA ASN A 202 12.43 27.92 6.79
C ASN A 202 13.85 28.14 7.26
N LEU A 203 14.48 29.15 6.68
CA LEU A 203 15.86 29.50 6.97
C LEU A 203 16.11 29.61 8.47
N GLU A 204 15.29 30.40 9.16
CA GLU A 204 15.60 30.67 10.55
C GLU A 204 15.55 29.37 11.35
N ASP A 205 14.61 28.51 11.04
CA ASP A 205 14.51 27.23 11.76
C ASP A 205 15.68 26.29 11.46
N ALA A 206 16.15 26.28 10.21
CA ALA A 206 17.38 25.58 9.81
C ALA A 206 18.60 26.03 10.64
N LEU A 207 18.74 27.34 10.78
CA LEU A 207 19.83 27.90 11.52
C LEU A 207 19.76 27.60 13.02
N ARG A 208 18.58 27.61 13.63
CA ARG A 208 18.43 27.23 15.05
C ARG A 208 18.79 25.76 15.29
N ALA A 209 18.43 24.92 14.33
CA ALA A 209 18.72 23.51 14.40
C ALA A 209 20.21 23.29 14.34
N VAL A 210 20.87 24.03 13.48
CA VAL A 210 22.29 23.94 13.37
C VAL A 210 22.93 24.32 14.70
N GLU A 211 22.53 25.47 15.25
CA GLU A 211 23.05 25.96 16.53
C GLU A 211 22.74 24.98 17.65
N ALA A 212 21.64 24.26 17.51
CA ALA A 212 21.18 23.32 18.53
C ALA A 212 22.01 22.04 18.54
N GLY A 213 22.85 21.89 17.53
CA GLY A 213 23.73 20.75 17.41
C GLY A 213 23.12 19.61 16.62
N ALA A 214 22.13 19.87 15.78
CA ALA A 214 21.61 18.83 14.92
C ALA A 214 22.69 18.34 13.97
N ASP A 215 22.71 17.04 13.69
CA ASP A 215 23.70 16.47 12.77
C ASP A 215 23.21 16.47 11.32
N ILE A 216 21.89 16.39 11.15
CA ILE A 216 21.26 16.41 9.85
C ILE A 216 20.10 17.40 9.90
N VAL A 217 19.96 18.17 8.83
CA VAL A 217 18.90 19.14 8.75
C VAL A 217 18.08 18.78 7.58
N MET A 218 16.81 18.53 7.83
CA MET A 218 15.87 18.20 6.75
C MET A 218 15.00 19.38 6.34
N LEU A 219 15.10 19.76 5.08
CA LEU A 219 14.33 20.85 4.51
C LEU A 219 13.07 20.31 3.82
N ASP A 220 11.92 20.53 4.46
CA ASP A 220 10.59 20.11 3.96
C ASP A 220 10.03 21.08 2.92
N ASN A 221 9.57 20.54 1.80
CA ASN A 221 8.71 21.28 0.86
C ASN A 221 9.03 22.78 0.75
N LEU A 222 10.19 23.03 0.15
CA LEU A 222 10.67 24.37 -0.17
C LEU A 222 10.98 24.32 -1.66
N SER A 223 11.13 25.50 -2.28
CA SER A 223 11.43 25.59 -3.71
C SER A 223 12.91 25.28 -3.92
N PRO A 224 13.32 25.03 -5.16
CA PRO A 224 14.74 24.85 -5.48
C PRO A 224 15.66 25.99 -5.07
N GLU A 225 15.19 27.24 -5.19
CA GLU A 225 16.00 28.45 -4.87
C GLU A 225 16.13 28.62 -3.34
N GLU A 226 15.01 28.53 -2.64
CA GLU A 226 15.03 28.50 -1.20
C GLU A 226 16.08 27.46 -0.71
N VAL A 227 16.00 26.24 -1.23
CA VAL A 227 16.96 25.19 -0.89
C VAL A 227 18.42 25.55 -1.27
N LYS A 228 18.62 26.07 -2.48
CA LYS A 228 19.93 26.61 -2.85
C LYS A 228 20.46 27.53 -1.77
N ASP A 229 19.57 28.37 -1.24
CA ASP A 229 19.95 29.46 -0.37
C ASP A 229 20.19 28.97 1.07
N ILE A 230 19.20 28.27 1.60
CA ILE A 230 19.30 27.73 2.94
C ILE A 230 20.39 26.68 3.03
N SER A 231 20.51 25.79 2.05
CA SER A 231 21.57 24.78 2.14
C SER A 231 22.95 25.42 2.20
N ARG A 232 23.10 26.51 1.46
CA ARG A 232 24.35 27.26 1.41
C ARG A 232 24.69 27.85 2.79
N ARG A 233 23.68 28.44 3.41
CA ARG A 233 23.83 29.08 4.70
C ARG A 233 24.14 28.11 5.84
N ILE A 234 23.52 26.94 5.83
CA ILE A 234 23.88 25.88 6.73
C ILE A 234 25.34 25.48 6.58
N LYS A 235 25.74 25.14 5.36
CA LYS A 235 27.12 24.73 5.12
C LYS A 235 28.12 25.80 5.52
N ASP A 236 27.72 27.07 5.47
CA ASP A 236 28.61 28.20 5.79
C ASP A 236 28.90 28.29 7.29
N ILE A 237 27.95 27.94 8.14
CA ILE A 237 28.21 27.95 9.55
C ILE A 237 28.76 26.63 10.09
N ASN A 238 28.57 25.53 9.36
CA ASN A 238 29.09 24.23 9.77
C ASN A 238 28.99 23.23 8.64
N PRO A 239 30.04 23.03 7.88
CA PRO A 239 29.97 22.13 6.71
C PRO A 239 29.89 20.64 7.02
N ASN A 240 30.01 20.26 8.29
CA ASN A 240 29.69 18.87 8.74
C ASN A 240 28.22 18.52 8.94
N VAL A 241 27.33 19.51 8.98
CA VAL A 241 25.90 19.24 8.97
C VAL A 241 25.45 18.73 7.59
N ILE A 242 24.66 17.67 7.64
CA ILE A 242 24.21 16.98 6.48
C ILE A 242 22.86 17.56 6.12
N VAL A 243 22.71 17.93 4.85
CA VAL A 243 21.48 18.57 4.42
C VAL A 243 20.70 17.56 3.60
N GLU A 244 19.44 17.37 4.00
CA GLU A 244 18.51 16.48 3.32
C GLU A 244 17.33 17.31 2.80
N VAL A 245 16.93 17.05 1.57
CA VAL A 245 15.77 17.68 0.99
C VAL A 245 14.72 16.61 0.90
N SER A 246 13.46 16.95 1.22
CA SER A 246 12.36 15.97 1.32
C SER A 246 11.03 16.54 0.85
N GLY A 247 10.33 15.77 0.03
CA GLY A 247 9.03 16.20 -0.51
C GLY A 247 8.49 15.21 -1.53
N GLY A 248 7.51 15.68 -2.31
CA GLY A 248 6.87 14.91 -3.36
C GLY A 248 7.56 15.15 -4.69
N ILE A 249 8.87 15.28 -4.65
CA ILE A 249 9.67 15.55 -5.86
C ILE A 249 9.51 14.44 -6.91
N THR A 250 9.14 14.82 -8.12
CA THR A 250 8.97 13.87 -9.23
C THR A 250 10.31 13.58 -9.90
N GLU A 251 10.35 12.51 -10.69
CA GLU A 251 11.55 12.16 -11.43
C GLU A 251 12.01 13.31 -12.35
N GLU A 252 11.04 14.10 -12.84
CA GLU A 252 11.32 15.23 -13.73
C GLU A 252 12.02 16.36 -12.98
N ASN A 253 11.66 16.54 -11.70
CA ASN A 253 12.09 17.71 -10.93
C ASN A 253 13.38 17.51 -10.12
N VAL A 254 13.84 16.28 -10.03
CA VAL A 254 14.75 15.93 -8.97
C VAL A 254 16.17 16.51 -9.14
N SER A 255 16.63 16.66 -10.37
CA SER A 255 17.96 17.26 -10.55
C SER A 255 17.93 18.76 -10.25
N LEU A 256 16.74 19.32 -10.05
CA LEU A 256 16.61 20.72 -9.65
C LEU A 256 17.22 20.99 -8.27
N TYR A 257 17.06 20.05 -7.33
CA TYR A 257 17.61 20.21 -6.00
C TYR A 257 19.00 19.61 -5.85
N ASP A 258 19.63 19.18 -6.93
CA ASP A 258 20.93 18.50 -6.85
C ASP A 258 22.12 19.48 -6.72
N PHE A 259 22.12 20.35 -5.71
CA PHE A 259 23.24 21.29 -5.45
C PHE A 259 24.37 20.60 -4.68
N GLU A 260 25.56 21.17 -4.83
CA GLU A 260 26.74 20.63 -4.16
C GLU A 260 26.51 20.63 -2.66
N THR A 261 25.58 21.47 -2.19
CA THR A 261 25.29 21.65 -0.76
C THR A 261 24.16 20.80 -0.21
N VAL A 262 23.64 19.87 -1.02
CA VAL A 262 22.63 18.92 -0.57
C VAL A 262 23.24 17.54 -0.69
N ASP A 263 23.10 16.75 0.37
CA ASP A 263 23.75 15.45 0.50
C ASP A 263 22.78 14.31 0.13
N VAL A 264 21.51 14.50 0.47
CA VAL A 264 20.50 13.49 0.34
C VAL A 264 19.19 14.13 -0.09
N ILE A 265 18.55 13.53 -1.09
CA ILE A 265 17.25 13.97 -1.51
C ILE A 265 16.40 12.76 -1.26
N SER A 266 15.37 12.96 -0.44
CA SER A 266 14.39 11.95 -0.21
C SER A 266 13.08 12.39 -0.87
N SER A 267 12.41 11.44 -1.51
CA SER A 267 11.20 11.68 -2.27
C SER A 267 10.16 10.63 -1.90
N SER A 268 8.97 11.08 -1.53
CA SER A 268 7.88 10.17 -1.16
C SER A 268 7.41 9.34 -2.38
N ARG A 269 7.70 9.80 -3.59
CA ARG A 269 7.32 9.08 -4.80
C ARG A 269 8.04 7.75 -4.96
N LEU A 270 9.01 7.44 -4.11
CA LEU A 270 9.59 6.11 -4.13
C LEU A 270 8.62 5.07 -3.57
N THR A 271 7.98 5.38 -2.45
CA THR A 271 7.17 4.39 -1.73
C THR A 271 5.65 4.57 -1.79
N LEU A 272 5.18 5.70 -2.29
CA LEU A 272 3.74 6.02 -2.34
C LEU A 272 3.19 5.98 -3.75
N GLN A 273 4.06 5.82 -4.75
CA GLN A 273 3.60 5.66 -6.13
C GLN A 273 2.85 4.32 -6.34
N GLU A 274 1.76 4.40 -7.08
CA GLU A 274 0.98 3.25 -7.52
C GLU A 274 1.86 2.15 -8.13
N VAL A 275 1.66 0.91 -7.69
CA VAL A 275 2.39 -0.23 -8.24
C VAL A 275 2.19 -0.29 -9.73
N PHE A 276 3.26 -0.47 -10.48
CA PHE A 276 3.11 -0.50 -11.93
C PHE A 276 3.82 -1.67 -12.60
N VAL A 277 4.56 -2.50 -11.85
CA VAL A 277 5.18 -3.65 -12.48
C VAL A 277 4.22 -4.85 -12.50
N ASP A 278 4.07 -5.42 -13.68
CA ASP A 278 3.09 -6.46 -13.95
C ASP A 278 3.75 -7.84 -13.98
N LEU A 279 3.22 -8.71 -13.14
CA LEU A 279 3.75 -10.03 -12.90
C LEU A 279 2.60 -11.00 -12.74
N SER A 280 2.74 -12.19 -13.29
CA SER A 280 1.76 -13.24 -13.04
C SER A 280 2.45 -14.58 -12.80
N LEU A 281 1.67 -15.49 -12.25
CA LEU A 281 2.04 -16.87 -12.07
C LEU A 281 1.12 -17.70 -12.98
N GLU A 282 1.72 -18.38 -13.92
CA GLU A 282 0.95 -19.10 -14.92
C GLU A 282 1.31 -20.58 -14.78
N ILE A 283 0.32 -21.40 -14.40
CA ILE A 283 0.51 -22.85 -14.27
C ILE A 283 0.74 -23.53 -15.60
N GLN A 284 1.75 -24.39 -15.66
CA GLN A 284 2.07 -25.13 -16.88
C GLN A 284 1.37 -26.46 -16.85
N ARG A 285 1.07 -26.93 -18.03
CA ARG A 285 0.31 -28.16 -18.21
C ARG A 285 1.04 -28.91 -19.34
N MET B 13 -13.06 -6.93 14.65
CA MET B 13 -12.65 -5.68 15.40
C MET B 13 -11.48 -5.91 16.36
N GLU B 14 -11.48 -7.04 17.06
CA GLU B 14 -10.27 -7.50 17.75
C GLU B 14 -9.16 -7.70 16.73
N LYS B 15 -9.51 -8.22 15.54
CA LYS B 15 -8.52 -8.54 14.53
C LYS B 15 -7.94 -7.24 13.93
N ILE B 16 -8.79 -6.25 13.76
CA ILE B 16 -8.36 -4.93 13.25
C ILE B 16 -7.46 -4.18 14.22
N LEU B 17 -7.70 -4.28 15.53
CA LEU B 17 -6.84 -3.62 16.52
C LEU B 17 -5.47 -4.26 16.63
N ASP B 18 -5.47 -5.58 16.64
CA ASP B 18 -4.23 -6.37 16.54
C ASP B 18 -3.43 -5.89 15.33
N LEU B 19 -4.10 -5.77 14.20
CA LEU B 19 -3.42 -5.35 12.99
C LEU B 19 -2.78 -3.98 13.21
N LEU B 20 -3.59 -3.02 13.65
CA LEU B 20 -3.13 -1.66 13.88
C LEU B 20 -2.02 -1.60 14.90
N MET B 21 -2.10 -2.42 15.95
CA MET B 21 -1.03 -2.52 16.91
C MET B 21 0.27 -3.01 16.27
N SER B 22 0.14 -3.82 15.23
CA SER B 22 1.32 -4.30 14.50
C SER B 22 1.95 -3.17 13.70
N PHE B 23 1.13 -2.27 13.15
CA PHE B 23 1.65 -1.12 12.42
C PHE B 23 2.41 -0.13 13.36
N VAL B 24 1.97 -0.04 14.62
CA VAL B 24 2.64 0.79 15.58
C VAL B 24 4.00 0.16 15.94
N LYS B 25 4.02 -1.16 16.19
CA LYS B 25 5.30 -1.88 16.40
C LYS B 25 6.31 -1.64 15.30
N GLU B 26 5.89 -1.71 14.04
CA GLU B 26 6.75 -1.43 12.89
C GLU B 26 7.34 -0.01 12.97
N ASP B 27 6.53 0.99 13.25
CA ASP B 27 6.95 2.39 13.33
C ASP B 27 7.85 2.69 14.57
N GLU B 28 7.59 2.05 15.71
CA GLU B 28 8.26 2.36 16.99
C GLU B 28 9.82 2.07 17.04
N GLY B 29 10.33 0.95 16.56
CA GLY B 29 9.73 -0.34 16.73
C GLY B 29 10.12 -0.75 18.13
N LYS B 30 11.42 -0.89 18.38
CA LYS B 30 11.85 -1.25 19.73
C LYS B 30 11.62 -0.09 20.70
N LEU B 31 11.93 1.15 20.28
CA LEU B 31 11.69 2.33 21.15
C LEU B 31 11.77 3.62 20.35
N ASP B 32 10.83 4.55 20.54
CA ASP B 32 10.87 5.81 19.79
C ASP B 32 11.78 6.78 20.55
N LEU B 33 13.05 6.83 20.14
CA LEU B 33 14.05 7.61 20.87
C LEU B 33 13.81 9.11 20.96
N ALA B 34 13.12 9.67 19.96
CA ALA B 34 12.86 11.10 20.00
C ALA B 34 11.73 11.48 20.95
N SER B 35 10.83 10.54 21.22
CA SER B 35 9.69 10.78 22.08
C SER B 35 9.97 10.28 23.52
N PHE B 36 10.95 9.42 23.67
CA PHE B 36 11.19 8.84 24.99
C PHE B 36 11.32 9.86 26.11
N PRO B 37 12.10 10.92 25.91
CA PRO B 37 12.22 11.95 26.98
C PRO B 37 10.94 12.76 27.26
N LEU B 38 9.88 12.59 26.46
CA LEU B 38 8.64 13.31 26.67
C LEU B 38 7.58 12.44 27.35
N ARG B 39 7.99 11.21 27.69
CA ARG B 39 7.04 10.24 28.22
C ARG B 39 6.45 10.51 29.62
N ASN B 40 6.85 11.56 30.32
CA ASN B 40 6.22 11.93 31.60
C ASN B 40 5.46 13.24 31.46
N THR B 41 4.90 13.48 30.28
CA THR B 41 4.12 14.68 30.00
C THR B 41 2.86 14.25 29.31
N THR B 42 1.93 15.16 29.21
CA THR B 42 0.77 14.94 28.42
C THR B 42 0.65 16.04 27.36
N ALA B 43 -0.23 15.81 26.39
CA ALA B 43 -0.36 16.71 25.25
C ALA B 43 -1.68 16.51 24.59
N GLY B 44 -2.16 17.58 23.97
CA GLY B 44 -3.37 17.53 23.18
C GLY B 44 -3.04 17.94 21.77
N ALA B 45 -3.81 17.41 20.82
CA ALA B 45 -3.56 17.63 19.40
C ALA B 45 -4.83 17.75 18.60
N HIS B 46 -4.73 18.48 17.49
CA HIS B 46 -5.80 18.60 16.50
C HIS B 46 -5.46 17.70 15.32
N LEU B 47 -6.48 16.99 14.86
CA LEU B 47 -6.37 16.12 13.72
C LEU B 47 -6.86 16.96 12.56
N LEU B 48 -6.02 17.14 11.55
CA LEU B 48 -6.28 18.16 10.53
C LEU B 48 -6.50 17.53 9.18
N LEU B 49 -7.57 17.94 8.52
CA LEU B 49 -7.79 17.58 7.12
C LEU B 49 -7.41 18.76 6.25
N LYS B 50 -6.49 18.52 5.33
CA LYS B 50 -6.02 19.53 4.38
C LYS B 50 -6.38 19.22 2.91
N THR B 51 -7.46 18.48 2.64
CA THR B 51 -7.87 18.21 1.26
C THR B 51 -9.38 18.27 1.14
N GLU B 52 -9.84 18.86 0.04
CA GLU B 52 -11.09 19.57 0.09
C GLU B 52 -12.36 18.78 -0.16
N ASN B 53 -12.34 17.75 -1.01
CA ASN B 53 -13.61 17.14 -1.42
C ASN B 53 -13.59 15.64 -1.28
N VAL B 54 -14.16 15.17 -0.18
CA VAL B 54 -13.66 13.98 0.46
C VAL B 54 -14.71 13.31 1.33
N VAL B 55 -14.72 11.97 1.35
CA VAL B 55 -15.61 11.23 2.25
C VAL B 55 -14.80 10.51 3.31
N ALA B 56 -15.30 10.58 4.54
CA ALA B 56 -14.56 10.14 5.70
C ALA B 56 -14.79 8.68 5.91
N SER B 57 -13.72 7.98 6.27
CA SER B 57 -13.81 6.64 6.85
C SER B 57 -12.57 6.31 7.69
N GLY B 58 -12.71 5.31 8.55
CA GLY B 58 -11.69 4.96 9.53
C GLY B 58 -11.95 5.61 10.88
N ILE B 59 -13.02 6.37 10.99
CA ILE B 59 -13.33 7.07 12.23
C ILE B 59 -13.57 6.05 13.35
N GLU B 60 -14.55 5.17 13.20
CA GLU B 60 -14.82 4.21 14.25
C GLU B 60 -13.54 3.38 14.54
N VAL B 61 -12.83 2.95 13.50
CA VAL B 61 -11.59 2.19 13.67
C VAL B 61 -10.54 2.97 14.44
N SER B 62 -10.34 4.23 14.05
CA SER B 62 -9.37 5.11 14.72
C SER B 62 -9.74 5.34 16.19
N ARG B 63 -11.02 5.58 16.45
CA ARG B 63 -11.50 5.78 17.80
C ARG B 63 -11.10 4.62 18.69
N MET B 64 -11.40 3.42 18.21
CA MET B 64 -11.14 2.22 18.97
C MET B 64 -9.66 1.99 19.15
N PHE B 65 -8.89 2.34 18.14
CA PHE B 65 -7.43 2.24 18.15
C PHE B 65 -6.83 3.19 19.13
N LEU B 66 -7.24 4.44 19.09
CA LEU B 66 -6.73 5.41 20.05
C LEU B 66 -7.03 4.98 21.46
N GLU B 67 -8.28 4.60 21.72
CA GLU B 67 -8.67 3.99 23.01
C GLU B 67 -7.72 2.85 23.42
N LYS B 68 -7.46 1.91 22.52
CA LYS B 68 -6.51 0.85 22.84
C LYS B 68 -5.13 1.38 23.17
N MET B 69 -4.71 2.48 22.56
CA MET B 69 -3.42 3.08 22.88
C MET B 69 -3.45 3.86 24.18
N GLY B 70 -4.61 4.12 24.78
CA GLY B 70 -4.66 4.89 26.06
C GLY B 70 -4.87 6.41 25.90
N LEU B 71 -5.35 6.84 24.72
CA LEU B 71 -5.49 8.25 24.38
C LEU B 71 -6.97 8.60 24.36
N LEU B 72 -7.31 9.79 24.82
CA LEU B 72 -8.68 10.24 24.81
C LEU B 72 -8.90 10.87 23.41
N SER B 73 -10.16 10.92 22.95
CA SER B 73 -10.42 11.46 21.62
C SER B 73 -11.82 12.00 21.45
N LYS B 74 -11.99 12.77 20.40
CA LYS B 74 -13.27 13.36 20.06
C LYS B 74 -13.21 13.48 18.57
N PHE B 75 -14.32 13.28 17.88
CA PHE B 75 -14.33 13.42 16.43
C PHE B 75 -15.51 14.27 16.05
N ASN B 76 -15.35 15.18 15.10
CA ASN B 76 -16.49 16.00 14.71
C ASN B 76 -16.97 15.63 13.29
N VAL B 77 -16.86 14.34 12.98
CA VAL B 77 -17.17 13.84 11.65
C VAL B 77 -17.54 12.34 11.81
N GLU B 78 -18.26 11.76 10.87
CA GLU B 78 -18.58 10.31 10.92
C GLU B 78 -18.16 9.55 9.69
N ASP B 79 -17.99 8.23 9.84
CA ASP B 79 -17.84 7.33 8.70
C ASP B 79 -19.06 7.50 7.79
N GLY B 80 -18.80 7.76 6.50
CA GLY B 80 -19.83 7.96 5.50
C GLY B 80 -19.99 9.40 5.03
N GLU B 81 -19.52 10.35 5.83
CA GLU B 81 -19.89 11.75 5.64
C GLU B 81 -19.08 12.38 4.51
N TYR B 82 -19.76 13.15 3.66
CA TYR B 82 -19.11 13.88 2.57
C TYR B 82 -18.59 15.18 3.15
N LEU B 83 -17.38 15.57 2.79
CA LEU B 83 -16.79 16.76 3.39
C LEU B 83 -16.21 17.71 2.37
N GLU B 84 -16.84 18.88 2.34
CA GLU B 84 -16.40 20.02 1.58
C GLU B 84 -15.54 20.80 2.56
N GLY B 85 -14.41 21.31 2.10
CA GLY B 85 -13.65 22.24 2.94
C GLY B 85 -12.79 21.58 4.00
N THR B 86 -11.58 22.11 4.15
CA THR B 86 -10.62 21.67 5.13
C THR B 86 -11.00 22.06 6.57
N GLY B 87 -10.18 21.62 7.52
CA GLY B 87 -10.46 21.82 8.92
C GLY B 87 -10.01 20.73 9.89
N VAL B 88 -10.38 20.98 11.13
CA VAL B 88 -10.20 20.09 12.24
C VAL B 88 -11.32 19.07 12.25
N ILE B 89 -10.98 17.81 12.11
CA ILE B 89 -11.98 16.76 12.10
C ILE B 89 -11.99 15.98 13.40
N GLY B 90 -11.15 16.37 14.35
CA GLY B 90 -11.03 15.68 15.63
C GLY B 90 -9.88 16.14 16.49
N GLU B 91 -9.86 15.67 17.74
CA GLU B 91 -8.93 16.15 18.78
C GLU B 91 -8.53 14.96 19.58
N ILE B 92 -7.27 14.95 20.04
CA ILE B 92 -6.70 13.79 20.71
C ILE B 92 -5.91 14.28 21.93
N GLU B 93 -5.92 13.52 23.03
CA GLU B 93 -5.05 13.89 24.14
C GLU B 93 -4.67 12.73 25.02
N GLY B 94 -3.57 12.90 25.73
CA GLY B 94 -3.08 11.89 26.64
C GLY B 94 -1.57 11.91 26.70
N ASN B 95 -1.02 10.83 27.23
CA ASN B 95 0.40 10.72 27.38
C ASN B 95 1.10 11.03 26.05
N THR B 96 2.09 11.91 26.14
CA THR B 96 2.80 12.40 24.99
C THR B 96 3.55 11.31 24.22
N TYR B 97 4.18 10.35 24.92
CA TYR B 97 4.91 9.29 24.18
C TYR B 97 3.90 8.54 23.31
N LYS B 98 2.77 8.22 23.93
CA LYS B 98 1.75 7.41 23.31
C LYS B 98 1.12 8.13 22.14
N LEU B 99 0.85 9.41 22.31
CA LEU B 99 0.33 10.20 21.21
C LEU B 99 1.32 10.22 20.03
N LEU B 100 2.59 10.49 20.30
CA LEU B 100 3.51 10.65 19.20
C LEU B 100 3.79 9.35 18.44
N VAL B 101 3.76 8.23 19.15
CA VAL B 101 3.97 6.93 18.57
C VAL B 101 2.72 6.41 17.82
N ALA B 102 1.56 6.88 18.24
CA ALA B 102 0.33 6.60 17.52
C ALA B 102 0.20 7.38 16.20
N GLU B 103 0.85 8.55 16.11
CA GLU B 103 0.64 9.52 15.02
C GLU B 103 0.67 8.93 13.60
N ARG B 104 1.77 8.31 13.22
CA ARG B 104 1.91 7.94 11.83
C ARG B 104 0.91 6.84 11.44
N THR B 105 0.67 5.91 12.35
CA THR B 105 -0.28 4.88 12.07
C THR B 105 -1.63 5.48 11.84
N LEU B 106 -2.06 6.29 12.82
CA LEU B 106 -3.34 6.97 12.75
C LEU B 106 -3.47 7.59 11.37
N LEU B 107 -2.48 8.35 10.92
CA LEU B 107 -2.64 9.09 9.68
C LEU B 107 -2.59 8.22 8.39
N ASN B 108 -1.92 7.07 8.45
CA ASN B 108 -1.99 6.14 7.32
C ASN B 108 -3.37 5.54 7.18
N VAL B 109 -3.86 4.92 8.24
CA VAL B 109 -5.23 4.46 8.31
C VAL B 109 -6.16 5.49 7.70
N LEU B 110 -6.23 6.67 8.30
CA LEU B 110 -7.18 7.65 7.87
C LEU B 110 -6.95 8.12 6.44
N SER B 111 -5.69 8.31 6.05
CA SER B 111 -5.44 8.81 4.70
C SER B 111 -5.79 7.71 3.68
N VAL B 112 -5.35 6.49 3.95
CA VAL B 112 -5.75 5.34 3.12
C VAL B 112 -7.26 5.22 2.93
N MET B 113 -7.98 5.18 4.03
CA MET B 113 -9.41 4.92 3.97
C MET B 113 -10.20 6.07 3.33
N PHE B 114 -9.92 7.30 3.71
CA PHE B 114 -10.56 8.48 3.10
C PHE B 114 -10.41 8.44 1.59
N SER B 115 -9.19 8.15 1.14
CA SER B 115 -8.85 8.09 -0.29
C SER B 115 -9.70 7.05 -1.02
N VAL B 116 -9.78 5.85 -0.44
CA VAL B 116 -10.53 4.76 -1.05
C VAL B 116 -12.03 5.05 -1.02
N ALA B 117 -12.52 5.71 0.02
CA ALA B 117 -13.94 5.97 0.12
C ALA B 117 -14.32 7.08 -0.84
N THR B 118 -13.44 8.07 -0.93
CA THR B 118 -13.68 9.25 -1.76
C THR B 118 -13.80 8.85 -3.21
N THR B 119 -12.83 8.04 -3.66
CA THR B 119 -12.85 7.51 -5.00
C THR B 119 -14.06 6.63 -5.24
N THR B 120 -14.30 5.73 -4.31
CA THR B 120 -15.47 4.91 -4.38
C THR B 120 -16.73 5.75 -4.62
N ARG B 121 -16.93 6.85 -3.89
CA ARG B 121 -18.17 7.61 -4.09
C ARG B 121 -18.23 8.20 -5.49
N ARG B 122 -17.08 8.68 -5.99
CA ARG B 122 -17.01 9.27 -7.33
C ARG B 122 -17.45 8.25 -8.38
N PHE B 123 -16.86 7.06 -8.30
CA PHE B 123 -17.29 5.93 -9.14
C PHE B 123 -18.80 5.64 -8.98
N ALA B 124 -19.29 5.54 -7.74
CA ALA B 124 -20.72 5.24 -7.50
C ALA B 124 -21.69 6.21 -8.16
N GLU B 125 -21.39 7.51 -8.10
CA GLU B 125 -22.33 8.52 -8.62
C GLU B 125 -22.28 8.68 -10.14
N LYS B 126 -21.41 7.93 -10.81
CA LYS B 126 -21.43 7.81 -12.29
C LYS B 126 -22.29 6.67 -12.86
N LEU B 127 -22.75 5.72 -12.03
CA LEU B 127 -23.49 4.54 -12.50
C LEU B 127 -24.98 4.59 -12.19
N LYS B 128 -25.81 3.98 -13.03
CA LYS B 128 -27.27 3.88 -12.76
C LYS B 128 -27.73 2.43 -12.56
N HIS B 129 -27.17 1.47 -13.29
CA HIS B 129 -27.54 0.05 -13.11
C HIS B 129 -26.52 -0.74 -12.27
N ALA B 130 -25.27 -0.81 -12.71
CA ALA B 130 -24.25 -1.62 -12.01
C ALA B 130 -23.87 -1.00 -10.67
N LYS B 131 -23.34 -1.81 -9.77
CA LYS B 131 -22.83 -1.35 -8.47
C LYS B 131 -21.33 -1.49 -8.51
N ILE B 132 -20.67 -0.52 -7.89
CA ILE B 132 -19.22 -0.52 -7.79
C ILE B 132 -18.75 -1.42 -6.66
N ALA B 133 -17.54 -1.96 -6.83
CA ALA B 133 -17.00 -2.93 -5.93
C ALA B 133 -15.50 -2.93 -6.03
N ALA B 134 -14.85 -3.37 -4.96
CA ALA B 134 -13.43 -3.53 -4.98
C ALA B 134 -13.18 -4.89 -5.60
N THR B 135 -11.95 -5.07 -6.08
CA THR B 135 -11.44 -6.36 -6.51
C THR B 135 -10.67 -6.96 -5.38
N ARG B 136 -10.03 -8.09 -5.66
CA ARG B 136 -9.21 -8.81 -4.67
C ARG B 136 -7.75 -8.38 -4.77
N LYS B 137 -7.39 -7.61 -5.80
CA LYS B 137 -6.09 -6.94 -5.91
C LYS B 137 -5.97 -5.76 -4.92
N ILE B 138 -5.73 -6.06 -3.64
CA ILE B 138 -5.66 -5.04 -2.59
C ILE B 138 -4.24 -4.95 -2.11
N LEU B 139 -3.89 -3.84 -1.47
CA LEU B 139 -2.62 -3.74 -0.75
C LEU B 139 -2.69 -4.75 0.38
N PRO B 140 -1.70 -5.64 0.46
CA PRO B 140 -1.74 -6.72 1.43
C PRO B 140 -1.61 -6.17 2.83
N GLY B 141 -2.38 -6.77 3.74
CA GLY B 141 -2.36 -6.41 5.13
C GLY B 141 -3.32 -5.29 5.46
N LEU B 142 -3.68 -4.45 4.49
CA LEU B 142 -4.62 -3.40 4.76
C LEU B 142 -5.89 -3.49 3.92
N GLY B 143 -6.12 -4.68 3.36
CA GLY B 143 -7.32 -4.93 2.60
C GLY B 143 -8.57 -4.78 3.44
N VAL B 144 -8.55 -5.40 4.63
CA VAL B 144 -9.68 -5.31 5.56
C VAL B 144 -10.16 -3.86 5.71
N LEU B 145 -9.18 -2.95 5.77
CA LEU B 145 -9.47 -1.53 5.91
C LEU B 145 -9.95 -0.89 4.60
N GLN B 146 -9.33 -1.26 3.49
CA GLN B 146 -9.78 -0.77 2.21
C GLN B 146 -11.20 -1.25 1.90
N LYS B 147 -11.55 -2.48 2.27
CA LYS B 147 -12.86 -3.01 1.92
C LYS B 147 -13.90 -2.25 2.69
N ILE B 148 -13.55 -1.86 3.92
CA ILE B 148 -14.43 -1.04 4.75
C ILE B 148 -14.57 0.37 4.19
N ALA B 149 -13.47 0.90 3.67
CA ALA B 149 -13.53 2.24 3.08
C ALA B 149 -14.52 2.21 1.95
N VAL B 150 -14.45 1.17 1.12
CA VAL B 150 -15.37 0.95 -0.02
C VAL B 150 -16.83 1.00 0.38
N VAL B 151 -17.20 0.24 1.41
CA VAL B 151 -18.55 0.29 1.95
C VAL B 151 -18.92 1.73 2.34
N HIS B 152 -18.05 2.38 3.11
CA HIS B 152 -18.31 3.75 3.54
C HIS B 152 -18.49 4.64 2.32
N GLY B 153 -17.71 4.36 1.26
CA GLY B 153 -17.74 5.15 0.04
C GLY B 153 -19.03 5.02 -0.73
N GLY B 154 -19.82 3.98 -0.44
CA GLY B 154 -21.12 3.78 -1.09
C GLY B 154 -21.26 2.33 -1.54
N GLY B 155 -20.30 1.87 -2.35
CA GLY B 155 -20.31 0.52 -2.94
C GLY B 155 -20.47 -0.57 -1.92
N ASP B 156 -20.60 -1.82 -2.38
CA ASP B 156 -20.97 -2.99 -1.53
C ASP B 156 -21.94 -3.88 -2.32
N GLY B 164 -20.07 -16.11 1.61
CA GLY B 164 -20.30 -15.08 0.58
C GLY B 164 -20.09 -15.63 -0.82
N CYS B 165 -18.82 -15.78 -1.23
CA CYS B 165 -18.48 -16.47 -2.49
C CYS B 165 -17.01 -16.88 -2.70
N VAL B 166 -16.80 -17.65 -3.75
CA VAL B 166 -15.57 -18.39 -4.02
C VAL B 166 -15.18 -18.11 -5.45
N MET B 167 -13.90 -17.89 -5.70
CA MET B 167 -13.46 -17.47 -7.01
C MET B 167 -12.58 -18.53 -7.70
N ILE B 168 -12.97 -18.94 -8.90
CA ILE B 168 -12.16 -19.79 -9.76
C ILE B 168 -11.56 -18.95 -10.86
N LYS B 169 -10.23 -19.01 -10.98
CA LYS B 169 -9.47 -18.23 -11.92
C LYS B 169 -8.77 -19.22 -12.88
N ASP B 170 -7.92 -18.69 -13.73
CA ASP B 170 -7.33 -19.45 -14.80
C ASP B 170 -6.41 -20.59 -14.33
N ASN B 171 -5.63 -20.36 -13.27
CA ASN B 171 -4.77 -21.40 -12.73
C ASN B 171 -5.58 -22.60 -12.17
N HIS B 172 -6.69 -22.32 -11.53
CA HIS B 172 -7.63 -23.38 -11.16
C HIS B 172 -8.10 -24.15 -12.39
N LEU B 173 -8.60 -23.46 -13.40
CA LEU B 173 -9.19 -24.15 -14.56
C LEU B 173 -8.16 -25.02 -15.30
N LYS B 174 -6.92 -24.55 -15.39
CA LYS B 174 -5.85 -25.39 -15.91
C LYS B 174 -5.69 -26.73 -15.15
N MET B 175 -5.96 -26.73 -13.84
CA MET B 175 -5.80 -27.93 -13.03
C MET B 175 -7.05 -28.79 -13.06
N TYR B 176 -8.23 -28.21 -12.85
CA TYR B 176 -9.47 -28.98 -12.96
C TYR B 176 -9.68 -29.52 -14.37
N GLY B 177 -9.19 -28.78 -15.37
CA GLY B 177 -9.33 -29.18 -16.77
C GLY B 177 -10.52 -28.52 -17.48
N SER B 178 -11.54 -28.14 -16.72
CA SER B 178 -12.70 -27.54 -17.33
C SER B 178 -13.48 -26.85 -16.24
N ALA B 179 -14.36 -25.95 -16.64
CA ALA B 179 -15.21 -25.25 -15.72
C ALA B 179 -16.22 -26.23 -15.12
N GLU B 180 -16.67 -27.16 -15.96
CA GLU B 180 -17.64 -28.17 -15.53
C GLU B 180 -17.09 -28.85 -14.27
N ARG B 181 -15.89 -29.41 -14.38
CA ARG B 181 -15.24 -30.14 -13.31
C ARG B 181 -14.95 -29.24 -12.09
N ALA B 182 -14.50 -28.01 -12.35
CA ALA B 182 -14.22 -27.04 -11.29
C ALA B 182 -15.45 -26.69 -10.43
N VAL B 183 -16.60 -26.52 -11.07
CA VAL B 183 -17.83 -26.17 -10.36
C VAL B 183 -18.37 -27.38 -9.58
N GLN B 184 -18.43 -28.53 -10.26
CA GLN B 184 -18.75 -29.82 -9.60
C GLN B 184 -17.98 -29.97 -8.26
N GLU B 185 -16.65 -30.10 -8.37
CA GLU B 185 -15.76 -30.23 -7.20
C GLU B 185 -15.89 -29.25 -6.05
N VAL B 186 -15.94 -27.95 -6.36
CA VAL B 186 -16.13 -26.92 -5.34
C VAL B 186 -17.54 -26.91 -4.77
N ARG B 187 -18.53 -27.28 -5.59
CA ARG B 187 -19.91 -27.38 -5.07
C ARG B 187 -20.03 -28.36 -3.87
N LYS B 188 -19.29 -29.45 -3.93
CA LYS B 188 -19.23 -30.48 -2.87
C LYS B 188 -18.80 -29.99 -1.47
N ILE B 189 -18.09 -28.89 -1.37
CA ILE B 189 -17.53 -28.47 -0.07
C ILE B 189 -17.91 -27.07 0.41
N ILE B 190 -18.91 -26.46 -0.22
CA ILE B 190 -19.43 -25.16 0.27
C ILE B 190 -20.92 -25.26 0.57
N PRO B 191 -21.43 -24.44 1.49
CA PRO B 191 -22.88 -24.35 1.74
C PRO B 191 -23.71 -24.11 0.46
N PHE B 192 -25.01 -24.43 0.52
CA PHE B 192 -25.95 -24.15 -0.58
C PHE B 192 -26.11 -22.64 -0.83
N THR B 193 -25.87 -21.80 0.18
CA THR B 193 -26.00 -20.34 0.05
C THR B 193 -24.76 -19.62 -0.47
N THR B 194 -23.75 -20.36 -0.93
CA THR B 194 -22.47 -19.77 -1.25
C THR B 194 -22.32 -19.85 -2.74
N LYS B 195 -21.86 -18.76 -3.34
CA LYS B 195 -21.89 -18.61 -4.81
C LYS B 195 -20.53 -18.86 -5.40
N ILE B 196 -20.50 -19.38 -6.62
CA ILE B 196 -19.24 -19.65 -7.28
C ILE B 196 -19.02 -18.68 -8.45
N GLU B 197 -17.85 -18.06 -8.48
CA GLU B 197 -17.48 -17.13 -9.52
C GLU B 197 -16.47 -17.77 -10.41
N VAL B 198 -16.66 -17.64 -11.71
CA VAL B 198 -15.63 -18.04 -12.63
C VAL B 198 -15.15 -16.82 -13.43
N GLU B 199 -13.84 -16.69 -13.56
CA GLU B 199 -13.22 -15.57 -14.24
C GLU B 199 -12.89 -16.01 -15.65
N VAL B 200 -13.24 -15.19 -16.63
CA VAL B 200 -13.08 -15.49 -18.04
C VAL B 200 -12.68 -14.26 -18.84
N GLU B 201 -12.10 -14.52 -20.02
CA GLU B 201 -11.55 -13.49 -20.89
C GLU B 201 -12.03 -13.52 -22.33
N ASN B 202 -12.99 -14.39 -22.64
CA ASN B 202 -13.60 -14.44 -23.99
C ASN B 202 -15.02 -15.05 -23.99
N LEU B 203 -15.71 -15.02 -25.11
CA LEU B 203 -17.04 -15.60 -25.21
C LEU B 203 -17.06 -17.10 -24.93
N GLU B 204 -16.16 -17.87 -25.56
CA GLU B 204 -16.22 -19.31 -25.45
C GLU B 204 -16.23 -19.71 -23.97
N ASP B 205 -15.29 -19.16 -23.21
CA ASP B 205 -15.12 -19.52 -21.79
C ASP B 205 -16.25 -19.03 -20.94
N ALA B 206 -16.90 -17.96 -21.36
CA ALA B 206 -18.00 -17.38 -20.61
C ALA B 206 -19.22 -18.30 -20.69
N LEU B 207 -19.54 -18.80 -21.87
CA LEU B 207 -20.69 -19.69 -22.01
C LEU B 207 -20.42 -21.02 -21.34
N ARG B 208 -19.19 -21.52 -21.51
CA ARG B 208 -18.77 -22.74 -20.82
C ARG B 208 -19.00 -22.65 -19.34
N ALA B 209 -18.61 -21.54 -18.71
CA ALA B 209 -18.91 -21.28 -17.28
C ALA B 209 -20.41 -21.23 -16.93
N VAL B 210 -21.21 -20.55 -17.73
CA VAL B 210 -22.67 -20.60 -17.55
C VAL B 210 -23.18 -22.05 -17.59
N GLU B 211 -22.77 -22.76 -18.63
CA GLU B 211 -23.11 -24.17 -18.82
C GLU B 211 -22.60 -25.02 -17.68
N ALA B 212 -21.55 -24.60 -17.00
CA ALA B 212 -21.03 -25.40 -15.90
C ALA B 212 -21.77 -25.13 -14.57
N GLY B 213 -22.67 -24.17 -14.51
CA GLY B 213 -23.40 -23.93 -13.23
C GLY B 213 -22.93 -22.76 -12.39
N ALA B 214 -21.96 -22.00 -12.90
CA ALA B 214 -21.45 -20.84 -12.16
C ALA B 214 -22.58 -19.88 -11.82
N ASP B 215 -22.50 -19.27 -10.65
CA ASP B 215 -23.51 -18.38 -10.16
C ASP B 215 -23.19 -16.93 -10.53
N ILE B 216 -21.90 -16.62 -10.72
CA ILE B 216 -21.44 -15.31 -11.10
C ILE B 216 -20.40 -15.52 -12.18
N VAL B 217 -20.35 -14.69 -13.21
CA VAL B 217 -19.27 -14.76 -14.19
C VAL B 217 -18.55 -13.44 -14.23
N MET B 218 -17.24 -13.45 -13.98
CA MET B 218 -16.48 -12.22 -14.07
C MET B 218 -15.79 -12.10 -15.43
N LEU B 219 -16.07 -10.98 -16.11
CA LEU B 219 -15.53 -10.68 -17.41
C LEU B 219 -14.29 -9.78 -17.29
N ASP B 220 -13.15 -10.34 -17.66
CA ASP B 220 -11.86 -9.69 -17.44
C ASP B 220 -11.19 -9.18 -18.75
N ASN B 221 -10.66 -7.96 -18.72
CA ASN B 221 -9.80 -7.46 -19.81
C ASN B 221 -10.50 -7.59 -21.16
N LEU B 222 -11.62 -6.85 -21.30
CA LEU B 222 -12.46 -6.89 -22.48
C LEU B 222 -13.09 -5.54 -22.69
N SER B 223 -13.32 -5.18 -23.96
CA SER B 223 -13.75 -3.85 -24.33
C SER B 223 -15.23 -3.71 -24.06
N PRO B 224 -15.74 -2.48 -23.95
CA PRO B 224 -17.19 -2.22 -23.78
C PRO B 224 -18.12 -2.98 -24.70
N GLU B 225 -17.77 -3.08 -25.98
CA GLU B 225 -18.62 -3.76 -26.97
C GLU B 225 -18.53 -5.29 -26.75
N GLU B 226 -17.32 -5.80 -26.51
CA GLU B 226 -17.19 -7.20 -26.17
C GLU B 226 -18.03 -7.54 -24.92
N VAL B 227 -18.08 -6.62 -23.94
CA VAL B 227 -18.87 -6.81 -22.72
C VAL B 227 -20.38 -6.63 -22.95
N LYS B 228 -20.79 -5.69 -23.79
CA LYS B 228 -22.21 -5.60 -24.11
C LYS B 228 -22.76 -6.90 -24.72
N ASP B 229 -21.98 -7.51 -25.62
CA ASP B 229 -22.42 -8.69 -26.33
C ASP B 229 -22.43 -9.94 -25.42
N ILE B 230 -21.36 -10.14 -24.66
CA ILE B 230 -21.23 -11.35 -23.87
C ILE B 230 -22.20 -11.34 -22.68
N SER B 231 -22.35 -10.19 -22.04
CA SER B 231 -23.22 -10.10 -20.88
C SER B 231 -24.65 -10.30 -21.34
N ARG B 232 -24.95 -9.81 -22.53
CA ARG B 232 -26.24 -10.02 -23.16
C ARG B 232 -26.53 -11.52 -23.31
N ARG B 233 -25.60 -12.26 -23.92
CA ARG B 233 -25.81 -13.71 -24.17
C ARG B 233 -26.00 -14.47 -22.87
N ILE B 234 -25.25 -14.12 -21.83
CA ILE B 234 -25.37 -14.74 -20.51
C ILE B 234 -26.75 -14.49 -19.91
N LYS B 235 -27.16 -13.24 -19.83
CA LYS B 235 -28.52 -12.96 -19.39
C LYS B 235 -29.55 -13.68 -20.25
N ASP B 236 -29.37 -13.72 -21.57
CA ASP B 236 -30.34 -14.48 -22.39
C ASP B 236 -30.37 -15.97 -21.96
N ILE B 237 -29.21 -16.58 -21.74
CA ILE B 237 -29.18 -17.98 -21.35
C ILE B 237 -29.75 -18.17 -19.96
N ASN B 238 -29.32 -17.38 -19.01
CA ASN B 238 -29.93 -17.45 -17.69
C ASN B 238 -29.84 -16.11 -16.98
N PRO B 239 -30.97 -15.45 -16.75
CA PRO B 239 -30.95 -14.10 -16.15
C PRO B 239 -30.55 -14.08 -14.68
N ASN B 240 -30.59 -15.25 -14.03
CA ASN B 240 -30.11 -15.38 -12.62
C ASN B 240 -28.56 -15.40 -12.47
N VAL B 241 -27.80 -15.59 -13.57
CA VAL B 241 -26.33 -15.50 -13.50
C VAL B 241 -25.96 -14.04 -13.30
N ILE B 242 -25.13 -13.77 -12.30
CA ILE B 242 -24.65 -12.43 -12.06
C ILE B 242 -23.39 -12.15 -12.88
N VAL B 243 -23.39 -10.98 -13.52
CA VAL B 243 -22.28 -10.55 -14.35
C VAL B 243 -21.41 -9.45 -13.70
N GLU B 244 -20.12 -9.71 -13.59
CA GLU B 244 -19.21 -8.76 -13.02
C GLU B 244 -18.22 -8.37 -14.10
N VAL B 245 -17.81 -7.11 -14.09
CA VAL B 245 -16.82 -6.59 -15.00
C VAL B 245 -15.65 -6.14 -14.17
N SER B 246 -14.44 -6.48 -14.59
CA SER B 246 -13.27 -6.17 -13.80
C SER B 246 -12.07 -5.78 -14.67
N GLY B 247 -11.16 -5.03 -14.07
CA GLY B 247 -10.01 -4.41 -14.75
C GLY B 247 -9.54 -3.12 -14.05
N GLY B 248 -8.54 -2.48 -14.65
CA GLY B 248 -8.04 -1.18 -14.22
C GLY B 248 -8.88 -0.03 -14.76
N ILE B 249 -10.20 -0.22 -14.82
CA ILE B 249 -11.13 0.77 -15.40
C ILE B 249 -11.12 2.12 -14.64
N THR B 250 -10.97 3.22 -15.37
CA THR B 250 -10.90 4.55 -14.78
C THR B 250 -12.27 5.18 -14.56
N GLU B 251 -12.24 6.25 -13.79
CA GLU B 251 -13.45 6.98 -13.47
C GLU B 251 -14.08 7.50 -14.74
N GLU B 252 -13.28 7.90 -15.72
CA GLU B 252 -13.83 8.45 -16.97
C GLU B 252 -14.51 7.34 -17.76
N ASN B 253 -13.89 6.16 -17.85
CA ASN B 253 -14.39 5.06 -18.69
C ASN B 253 -15.55 4.26 -18.09
N VAL B 254 -15.74 4.39 -16.78
CA VAL B 254 -16.49 3.38 -16.07
C VAL B 254 -17.94 3.26 -16.51
N SER B 255 -18.57 4.34 -16.97
CA SER B 255 -19.97 4.23 -17.38
C SER B 255 -20.10 3.63 -18.78
N LEU B 256 -18.98 3.44 -19.46
CA LEU B 256 -19.02 2.77 -20.74
C LEU B 256 -19.48 1.30 -20.56
N TYR B 257 -19.35 0.77 -19.34
CA TYR B 257 -19.72 -0.60 -19.04
C TYR B 257 -21.02 -0.70 -18.25
N ASP B 258 -21.75 0.40 -18.08
CA ASP B 258 -22.95 0.42 -17.25
C ASP B 258 -24.16 0.02 -18.09
N PHE B 259 -24.08 -1.17 -18.67
CA PHE B 259 -25.21 -1.80 -19.37
C PHE B 259 -26.11 -2.43 -18.28
N GLU B 260 -27.40 -2.50 -18.56
CA GLU B 260 -28.38 -3.22 -17.73
C GLU B 260 -28.10 -4.73 -17.52
N THR B 261 -27.20 -5.30 -18.32
CA THR B 261 -26.85 -6.71 -18.22
C THR B 261 -25.61 -6.91 -17.30
N VAL B 262 -25.06 -5.81 -16.79
CA VAL B 262 -23.95 -5.88 -15.87
C VAL B 262 -24.37 -5.47 -14.45
N ASP B 263 -24.23 -6.38 -13.50
CA ASP B 263 -24.70 -6.21 -12.13
C ASP B 263 -23.67 -5.47 -11.27
N VAL B 264 -22.39 -5.83 -11.47
CA VAL B 264 -21.28 -5.31 -10.71
C VAL B 264 -20.12 -4.92 -11.62
N ILE B 265 -19.53 -3.77 -11.31
CA ILE B 265 -18.25 -3.38 -11.89
C ILE B 265 -17.29 -3.20 -10.71
N SER B 266 -16.16 -3.86 -10.81
CA SER B 266 -15.15 -3.74 -9.86
C SER B 266 -13.94 -3.15 -10.58
N SER B 267 -13.21 -2.26 -9.91
CA SER B 267 -12.05 -1.61 -10.53
C SER B 267 -10.88 -1.62 -9.58
N SER B 268 -9.69 -1.95 -10.07
CA SER B 268 -8.48 -1.93 -9.22
C SER B 268 -8.08 -0.49 -8.85
N ARG B 269 -8.60 0.49 -9.60
CA ARG B 269 -8.44 1.91 -9.26
C ARG B 269 -8.76 2.21 -7.80
N LEU B 270 -9.80 1.58 -7.26
CA LEU B 270 -10.23 1.87 -5.91
C LEU B 270 -9.11 1.71 -4.91
N THR B 271 -8.43 0.59 -5.00
CA THR B 271 -7.47 0.19 -4.00
C THR B 271 -6.01 0.32 -4.39
N LEU B 272 -5.71 0.56 -5.66
CA LEU B 272 -4.32 0.64 -6.14
C LEU B 272 -3.88 2.08 -6.37
N GLN B 273 -4.82 2.99 -6.47
CA GLN B 273 -4.52 4.38 -6.73
C GLN B 273 -3.60 4.95 -5.62
N GLU B 274 -2.68 5.82 -6.00
CA GLU B 274 -1.91 6.55 -5.00
C GLU B 274 -2.83 7.22 -3.96
N VAL B 275 -2.42 7.14 -2.70
CA VAL B 275 -3.10 7.84 -1.60
C VAL B 275 -2.97 9.35 -1.74
N PHE B 276 -4.06 10.08 -1.54
CA PHE B 276 -4.08 11.49 -1.87
C PHE B 276 -4.82 12.44 -0.89
N VAL B 277 -5.44 11.92 0.17
CA VAL B 277 -6.06 12.82 1.15
C VAL B 277 -5.01 13.21 2.18
N ASP B 278 -4.76 14.51 2.27
CA ASP B 278 -3.73 15.04 3.16
C ASP B 278 -4.33 15.28 4.55
N LEU B 279 -3.82 14.57 5.55
CA LEU B 279 -4.19 14.85 6.96
C LEU B 279 -2.95 15.05 7.80
N SER B 280 -3.06 15.82 8.87
CA SER B 280 -1.96 15.86 9.83
C SER B 280 -2.48 15.92 11.25
N LEU B 281 -1.56 15.72 12.18
CA LEU B 281 -1.82 15.79 13.59
C LEU B 281 -0.90 16.84 14.15
N GLU B 282 -1.47 17.83 14.80
CA GLU B 282 -0.74 19.00 15.19
C GLU B 282 -0.92 19.25 16.68
N ILE B 283 0.12 19.03 17.46
CA ILE B 283 0.06 19.31 18.87
C ILE B 283 -0.22 20.77 19.17
N GLN B 284 -1.09 21.01 20.13
CA GLN B 284 -1.57 22.37 20.48
C GLN B 284 -0.90 22.76 21.73
N ARG B 285 -0.25 23.91 21.69
CA ARG B 285 0.61 24.27 22.80
C ARG B 285 0.18 25.51 23.54
#